data_5B5R
#
_entry.id   5B5R
#
_cell.length_a   43.453
_cell.length_b   103.414
_cell.length_c   49.625
_cell.angle_alpha   90.00
_cell.angle_beta   110.57
_cell.angle_gamma   90.00
#
_symmetry.space_group_name_H-M   'P 1 21 1'
#
loop_
_entity.id
_entity.type
_entity.pdbx_description
1 polymer Gasdermin-A3
2 water water
#
_entity_poly.entity_id   1
_entity_poly.type   'polypeptide(L)'
_entity_poly.pdbx_seq_one_letter_code
;SGRP(MSE)PVFEDVTRALVRELNPRGDLTPLDSLIDFKHFRPFCLVLRKRKSTLFWGARYVRTDYTLLDLLEPGSSPSD
LTDSGNFSFKN(MSE)LDVQVQGLVEVPKTVKVKGTAGLSQSSTLEVQTLSVAPSALENLKKERKLSADHSFLNE(MSE)
RYHEKNLYVV(MSE)EAVEAKQEVTVEQTGNANAIFSLPSLALLGLQGSLNNNKAVTIPKGCVLAYRVRLLRVFLFNLWD
IPYICNDS(MSE)QTFPKIRRVPCSAFISPTQ(MSE)ISEEPEEEKLIGE(MSE)HEDFKTLKEEVQRETQEVEKLSPVG
RSSLLTSLSHLLGKKKELQDLEQKLEGALDKGQKVTLEALPKDVLLSKDA(MSE)DAILYFLGALTELTEEQLKILVKSL
EKKILPVQLKLVESTLEQNFLQDKEGVFPLQPDLLSSLGEEELTLTEALVGLSGLEVQRSGPQYAWDPDTRHNLCALYAG
LSLLHLLSRKSNALTYCALS
;
_entity_poly.pdbx_strand_id   A
#
# COMPACT_ATOMS: atom_id res chain seq x y z
N PRO A 4 2.01 9.80 0.25
CA PRO A 4 2.54 8.82 1.20
C PRO A 4 3.57 9.44 2.14
N PRO A 6 6.13 8.87 5.20
CA PRO A 6 6.93 7.84 5.86
C PRO A 6 6.57 7.62 7.34
N VAL A 7 6.70 8.65 8.16
CA VAL A 7 6.51 8.52 9.61
C VAL A 7 5.05 8.19 9.98
N PHE A 8 4.10 8.84 9.31
CA PHE A 8 2.68 8.60 9.55
C PHE A 8 2.33 7.15 9.22
N GLU A 9 2.80 6.67 8.07
CA GLU A 9 2.56 5.28 7.66
C GLU A 9 3.20 4.31 8.65
N ASP A 10 4.40 4.64 9.14
CA ASP A 10 5.03 3.80 10.16
C ASP A 10 4.12 3.67 11.38
N VAL A 11 3.66 4.83 11.86
CA VAL A 11 2.80 4.85 13.04
C VAL A 11 1.52 4.04 12.83
N THR A 12 0.84 4.24 11.71
CA THR A 12 -0.46 3.61 11.52
C THR A 12 -0.34 2.11 11.26
N ARG A 13 0.71 1.69 10.54
CA ARG A 13 0.93 0.25 10.35
C ARG A 13 1.25 -0.45 11.67
N ALA A 14 2.09 0.19 12.49
CA ALA A 14 2.39 -0.38 13.81
C ALA A 14 1.12 -0.47 14.66
N LEU A 15 0.33 0.61 14.62
CA LEU A 15 -0.93 0.72 15.32
C LEU A 15 -1.89 -0.41 14.95
N VAL A 16 -1.97 -0.68 13.66
CA VAL A 16 -2.87 -1.72 13.19
C VAL A 16 -2.39 -3.08 13.66
N ARG A 17 -1.08 -3.30 13.58
CA ARG A 17 -0.53 -4.56 14.08
C ARG A 17 -0.89 -4.78 15.55
N GLU A 18 -0.81 -3.72 16.35
CA GLU A 18 -1.10 -3.86 17.77
C GLU A 18 -2.60 -4.05 18.06
N LEU A 19 -3.45 -3.22 17.44
CA LEU A 19 -4.87 -3.20 17.75
C LEU A 19 -5.68 -4.36 17.19
N ASN A 20 -5.30 -4.81 15.99
CA ASN A 20 -6.06 -5.85 15.30
C ASN A 20 -5.11 -6.83 14.65
N PRO A 21 -4.38 -7.61 15.48
CA PRO A 21 -3.35 -8.50 14.94
C PRO A 21 -3.98 -9.59 14.07
N ARG A 22 -3.42 -9.75 12.86
CA ARG A 22 -3.95 -10.66 11.85
C ARG A 22 -5.42 -10.40 11.55
N GLY A 23 -5.78 -9.12 11.49
CA GLY A 23 -7.14 -8.72 11.15
C GLY A 23 -7.17 -7.95 9.84
N ASP A 24 -8.34 -7.42 9.49
CA ASP A 24 -8.49 -6.69 8.23
C ASP A 24 -8.56 -5.17 8.41
N LEU A 25 -8.19 -4.68 9.60
CA LEU A 25 -8.13 -3.25 9.84
C LEU A 25 -7.10 -2.58 8.93
N THR A 26 -7.52 -1.57 8.18
CA THR A 26 -6.65 -0.94 7.19
C THR A 26 -5.93 0.27 7.77
N PRO A 27 -4.59 0.25 7.73
CA PRO A 27 -3.83 1.43 8.16
C PRO A 27 -3.87 2.51 7.08
N LEU A 28 -4.01 3.77 7.48
CA LEU A 28 -4.02 4.88 6.54
C LEU A 28 -2.58 5.34 6.28
N ASP A 29 -2.18 5.42 5.02
CA ASP A 29 -0.78 5.68 4.67
C ASP A 29 -0.46 7.18 4.65
N SER A 30 -1.48 8.02 4.63
CA SER A 30 -1.29 9.47 4.62
C SER A 30 -2.50 10.18 5.23
N LEU A 31 -2.29 11.35 5.81
CA LEU A 31 -3.39 12.05 6.47
C LEU A 31 -3.98 13.21 5.65
N ILE A 32 -3.48 13.43 4.43
CA ILE A 32 -3.93 14.58 3.63
C ILE A 32 -5.42 14.58 3.37
N ASP A 33 -6.01 13.40 3.35
CA ASP A 33 -7.43 13.27 3.06
C ASP A 33 -8.16 12.38 4.06
N PHE A 34 -7.74 12.44 5.33
CA PHE A 34 -8.22 11.48 6.33
C PHE A 34 -9.73 11.59 6.53
N LYS A 35 -10.28 12.78 6.27
CA LYS A 35 -11.70 13.02 6.46
C LYS A 35 -12.56 12.14 5.53
N HIS A 36 -11.95 11.64 4.47
CA HIS A 36 -12.66 10.76 3.55
C HIS A 36 -12.52 9.29 3.91
N PHE A 37 -12.03 9.02 5.12
CA PHE A 37 -11.94 7.65 5.61
C PHE A 37 -12.64 7.52 6.96
N ARG A 38 -13.56 8.45 7.19
CA ARG A 38 -14.45 8.42 8.35
C ARG A 38 -15.62 7.48 8.11
N PRO A 39 -16.33 7.07 9.19
CA PRO A 39 -17.49 6.21 9.01
C PRO A 39 -18.52 6.75 8.02
N PHE A 40 -19.14 5.83 7.27
CA PHE A 40 -20.12 6.08 6.21
C PHE A 40 -19.49 6.50 4.86
N CYS A 41 -18.22 6.88 4.86
CA CYS A 41 -17.51 7.23 3.63
C CYS A 41 -17.43 6.01 2.71
N LEU A 42 -17.54 6.26 1.41
CA LEU A 42 -17.38 5.23 0.39
C LEU A 42 -15.95 5.26 -0.16
N VAL A 43 -15.34 4.08 -0.25
CA VAL A 43 -13.99 3.97 -0.80
C VAL A 43 -13.94 2.87 -1.86
N LEU A 44 -12.96 2.98 -2.75
CA LEU A 44 -12.75 1.98 -3.80
C LEU A 44 -11.47 1.21 -3.53
N ARG A 45 -11.41 -0.06 -3.88
CA ARG A 45 -10.17 -0.81 -3.77
C ARG A 45 -9.12 -0.23 -4.72
N LYS A 46 -7.91 -0.01 -4.21
CA LYS A 46 -6.82 0.50 -5.03
C LYS A 46 -6.34 -0.60 -5.99
N ARG A 47 -6.21 -0.25 -7.26
CA ARG A 47 -5.79 -1.22 -8.27
C ARG A 47 -4.37 -1.73 -8.00
N LYS A 48 -4.21 -3.05 -8.03
CA LYS A 48 -2.93 -3.71 -7.80
C LYS A 48 -2.36 -3.40 -6.42
N SER A 49 -3.23 -3.14 -5.46
CA SER A 49 -2.79 -2.85 -4.11
C SER A 49 -2.42 -4.15 -3.38
N THR A 50 -1.70 -3.99 -2.28
CA THR A 50 -1.20 -5.13 -1.55
C THR A 50 -1.27 -4.87 -0.05
N LEU A 51 -1.35 -5.94 0.73
CA LEU A 51 -1.38 -5.83 2.19
C LEU A 51 -0.03 -5.40 2.75
N PHE A 52 1.02 -5.61 1.96
CA PHE A 52 2.38 -5.56 2.48
C PHE A 52 3.03 -4.18 2.45
N TRP A 53 2.42 -3.25 1.72
CA TRP A 53 2.82 -1.84 1.75
C TRP A 53 1.74 -0.99 1.07
N GLY A 54 1.75 0.31 1.37
CA GLY A 54 0.95 1.27 0.63
C GLY A 54 -0.52 1.30 1.00
N ALA A 55 -1.28 2.08 0.23
CA ALA A 55 -2.71 2.21 0.45
C ALA A 55 -3.46 0.98 -0.07
N ARG A 56 -4.61 0.70 0.53
CA ARG A 56 -5.42 -0.44 0.14
CA ARG A 56 -5.42 -0.44 0.12
C ARG A 56 -6.73 0.00 -0.50
N TYR A 57 -7.18 1.19 -0.10
CA TYR A 57 -8.39 1.79 -0.65
C TYR A 57 -8.13 3.25 -0.97
N VAL A 58 -8.93 3.81 -1.87
CA VAL A 58 -8.82 5.21 -2.28
C VAL A 58 -10.16 5.92 -2.06
N ARG A 59 -10.08 7.23 -1.84
CA ARG A 59 -11.22 8.05 -1.49
C ARG A 59 -12.19 8.21 -2.65
N THR A 60 -13.43 8.56 -2.31
CA THR A 60 -14.39 9.07 -3.27
C THR A 60 -14.98 10.35 -2.70
N ASP A 61 -15.82 11.03 -3.46
CA ASP A 61 -16.43 12.26 -2.99
C ASP A 61 -17.71 11.99 -2.19
N TYR A 62 -18.06 10.72 -2.01
CA TYR A 62 -19.36 10.39 -1.45
C TYR A 62 -19.35 9.51 -0.21
N THR A 63 -20.40 9.67 0.60
CA THR A 63 -20.69 8.77 1.71
C THR A 63 -21.88 7.89 1.32
N LEU A 64 -22.17 6.90 2.17
CA LEU A 64 -23.34 6.05 1.96
C LEU A 64 -24.62 6.90 1.91
N LEU A 65 -24.67 7.89 2.82
CA LEU A 65 -25.84 8.75 2.96
C LEU A 65 -26.11 9.55 1.68
N ASP A 66 -25.06 9.87 0.94
CA ASP A 66 -25.19 10.60 -0.32
C ASP A 66 -25.93 9.78 -1.36
N LEU A 67 -25.91 8.46 -1.21
CA LEU A 67 -26.51 7.56 -2.21
C LEU A 67 -27.99 7.29 -1.96
N LEU A 68 -28.49 7.71 -0.80
CA LEU A 68 -29.85 7.36 -0.40
C LEU A 68 -30.87 8.34 -0.94
N GLU A 69 -32.09 7.85 -1.15
CA GLU A 69 -33.20 8.71 -1.58
C GLU A 69 -33.61 9.67 -0.46
N PHE A 85 -23.53 11.06 10.11
CA PHE A 85 -22.98 11.94 11.14
C PHE A 85 -23.09 11.35 12.55
N LYS A 86 -23.09 12.22 13.55
CA LYS A 86 -22.87 11.82 14.94
C LYS A 86 -23.94 10.92 15.55
N ASN A 87 -25.20 11.29 15.40
CA ASN A 87 -26.32 10.57 16.04
C ASN A 87 -26.38 9.07 15.69
N LEU A 89 -23.46 7.20 15.32
CA LEU A 89 -22.14 6.65 15.61
C LEU A 89 -21.95 6.38 17.11
N ASP A 90 -21.27 5.27 17.41
CA ASP A 90 -20.85 4.94 18.76
C ASP A 90 -19.38 5.30 18.94
N VAL A 91 -19.06 5.93 20.06
CA VAL A 91 -17.68 6.28 20.38
C VAL A 91 -17.19 5.42 21.53
N GLN A 92 -16.06 4.75 21.34
CA GLN A 92 -15.48 3.97 22.42
C GLN A 92 -13.99 4.28 22.56
N VAL A 93 -13.59 4.81 23.72
CA VAL A 93 -12.18 5.07 23.96
C VAL A 93 -11.46 3.72 24.00
N GLN A 94 -10.26 3.66 23.42
CA GLN A 94 -9.57 2.39 23.29
C GLN A 94 -8.21 2.38 23.97
N GLY A 95 -7.90 3.48 24.66
CA GLY A 95 -6.67 3.55 25.42
C GLY A 95 -5.44 3.81 24.57
N LEU A 96 -4.34 3.15 24.93
CA LEU A 96 -3.03 3.47 24.39
C LEU A 96 -2.54 2.51 23.31
N VAL A 97 -1.75 3.04 22.38
CA VAL A 97 -1.01 2.22 21.44
C VAL A 97 0.42 2.73 21.39
N GLU A 98 1.37 1.81 21.19
CA GLU A 98 2.78 2.20 21.11
C GLU A 98 3.17 2.61 19.69
N VAL A 99 4.00 3.65 19.58
CA VAL A 99 4.54 4.08 18.30
C VAL A 99 5.83 3.32 18.02
N PRO A 100 6.28 3.28 16.75
CA PRO A 100 7.54 2.58 16.44
C PRO A 100 8.71 3.10 17.28
N LYS A 101 9.67 2.23 17.56
CA LYS A 101 10.78 2.58 18.44
C LYS A 101 11.62 3.74 17.91
N THR A 102 11.53 4.00 16.61
CA THR A 102 12.28 5.08 15.98
C THR A 102 11.49 6.38 15.96
N VAL A 103 10.23 6.32 16.38
CA VAL A 103 9.36 7.49 16.36
C VAL A 103 9.20 8.06 17.76
N LYS A 104 9.22 9.39 17.86
CA LYS A 104 8.99 10.05 19.12
C LYS A 104 7.74 10.93 19.06
N VAL A 105 6.97 10.89 20.14
CA VAL A 105 5.73 11.65 20.28
C VAL A 105 5.90 12.88 21.17
N LYS A 106 5.54 14.04 20.66
CA LYS A 106 5.54 15.28 21.43
C LYS A 106 4.14 15.87 21.51
N GLY A 107 3.85 16.52 22.63
CA GLY A 107 2.59 17.22 22.80
C GLY A 107 1.77 16.76 23.98
N THR A 108 2.16 15.66 24.61
CA THR A 108 1.38 15.09 25.71
C THR A 108 2.26 14.60 26.88
N ALA A 109 3.48 15.10 26.96
CA ALA A 109 4.39 14.65 28.02
C ALA A 109 5.29 15.78 28.52
N GLY A 110 4.94 17.01 28.16
CA GLY A 110 5.68 18.18 28.60
C GLY A 110 6.86 18.51 27.70
N LEU A 111 7.96 18.92 28.32
CA LEU A 111 9.22 19.10 27.60
C LEU A 111 9.75 17.74 27.16
N SER A 112 9.29 16.70 27.83
CA SER A 112 9.71 15.34 27.55
C SER A 112 8.92 14.73 26.40
N GLN A 113 8.92 13.40 26.32
CA GLN A 113 8.22 12.69 25.26
C GLN A 113 7.48 11.47 25.78
N SER A 114 6.85 10.75 24.85
CA SER A 114 6.08 9.57 25.18
C SER A 114 6.16 8.55 24.05
N SER A 115 6.04 7.28 24.39
CA SER A 115 6.11 6.23 23.38
C SER A 115 4.73 5.78 22.94
N THR A 116 3.68 6.48 23.38
CA THR A 116 2.32 6.02 23.14
C THR A 116 1.38 7.11 22.64
N LEU A 117 0.34 6.67 21.93
CA LEU A 117 -0.76 7.54 21.51
C LEU A 117 -2.03 7.07 22.16
N GLU A 118 -2.92 8.01 22.47
CA GLU A 118 -4.25 7.67 22.96
C GLU A 118 -5.21 7.65 21.77
N VAL A 119 -5.90 6.54 21.57
CA VAL A 119 -6.82 6.43 20.44
C VAL A 119 -8.22 6.07 20.88
N GLN A 120 -9.17 6.35 19.99
CA GLN A 120 -10.54 5.95 20.23
C GLN A 120 -11.16 5.51 18.91
N THR A 121 -12.25 4.76 19.01
CA THR A 121 -12.89 4.23 17.82
C THR A 121 -14.28 4.80 17.64
N LEU A 122 -14.59 5.21 16.41
CA LEU A 122 -15.96 5.59 16.04
C LEU A 122 -16.52 4.53 15.11
N SER A 123 -17.71 4.02 15.44
CA SER A 123 -18.29 2.92 14.69
C SER A 123 -19.74 3.20 14.32
N VAL A 124 -20.18 2.71 13.17
CA VAL A 124 -21.58 2.83 12.81
C VAL A 124 -22.43 2.08 13.83
N ALA A 125 -23.47 2.74 14.34
CA ALA A 125 -24.41 2.07 15.24
C ALA A 125 -25.21 1.02 14.46
N PRO A 126 -25.29 -0.20 14.98
CA PRO A 126 -26.07 -1.29 14.37
C PRO A 126 -27.50 -0.86 14.01
N SER A 127 -28.16 -0.21 14.97
CA SER A 127 -29.55 0.19 14.79
C SER A 127 -29.66 1.23 13.68
N ALA A 128 -28.65 2.09 13.56
CA ALA A 128 -28.63 3.08 12.50
C ALA A 128 -28.64 2.40 11.14
N LEU A 129 -27.83 1.35 10.98
CA LEU A 129 -27.77 0.62 9.72
C LEU A 129 -29.07 -0.10 9.43
N GLU A 130 -29.61 -0.81 10.42
CA GLU A 130 -30.89 -1.50 10.20
C GLU A 130 -32.00 -0.52 9.82
N ASN A 131 -32.02 0.61 10.49
CA ASN A 131 -33.02 1.64 10.23
C ASN A 131 -32.87 2.24 8.84
N LEU A 132 -31.64 2.55 8.43
CA LEU A 132 -31.39 3.04 7.08
C LEU A 132 -31.85 2.02 6.04
N LYS A 133 -31.59 0.74 6.30
CA LYS A 133 -32.06 -0.28 5.37
C LYS A 133 -33.59 -0.34 5.31
N LYS A 134 -34.24 -0.06 6.42
CA LYS A 134 -35.70 -0.03 6.43
C LYS A 134 -36.31 1.20 5.74
N GLU A 135 -35.68 2.35 5.91
CA GLU A 135 -36.27 3.64 5.54
C GLU A 135 -35.87 4.17 4.16
N ARG A 136 -34.68 3.83 3.68
CA ARG A 136 -34.15 4.47 2.47
C ARG A 136 -33.66 3.49 1.41
N LYS A 137 -34.11 3.70 0.18
CA LYS A 137 -33.56 3.00 -0.98
C LYS A 137 -32.40 3.81 -1.55
N LEU A 138 -31.57 3.19 -2.38
CA LEU A 138 -30.54 3.92 -3.10
C LEU A 138 -31.17 4.76 -4.21
N SER A 139 -30.62 5.94 -4.45
CA SER A 139 -31.10 6.81 -5.52
C SER A 139 -30.96 6.13 -6.89
N ALA A 140 -31.96 6.32 -7.74
CA ALA A 140 -31.88 5.81 -9.10
C ALA A 140 -31.29 6.88 -10.02
N ASP A 141 -31.17 8.10 -9.49
CA ASP A 141 -30.73 9.25 -10.26
C ASP A 141 -29.28 9.62 -10.01
N HIS A 142 -28.64 8.98 -9.04
CA HIS A 142 -27.27 9.33 -8.67
C HIS A 142 -26.28 8.96 -9.77
N SER A 143 -25.59 9.97 -10.29
CA SER A 143 -24.67 9.80 -11.41
C SER A 143 -23.50 8.88 -11.07
N PHE A 144 -22.88 9.12 -9.92
CA PHE A 144 -21.78 8.30 -9.45
C PHE A 144 -22.19 6.84 -9.32
N LEU A 145 -23.30 6.60 -8.63
CA LEU A 145 -23.78 5.25 -8.39
C LEU A 145 -24.05 4.53 -9.70
N ASN A 146 -24.63 5.24 -10.66
CA ASN A 146 -24.91 4.66 -11.97
C ASN A 146 -23.63 4.34 -12.74
N GLU A 147 -22.62 5.19 -12.60
CA GLU A 147 -21.35 4.91 -13.27
C GLU A 147 -20.65 3.70 -12.66
N ARG A 149 -22.04 1.28 -11.01
CA ARG A 149 -22.85 0.13 -11.38
C ARG A 149 -22.56 -0.32 -12.81
N TYR A 150 -22.51 0.62 -13.74
CA TYR A 150 -22.21 0.27 -15.13
C TYR A 150 -20.85 -0.42 -15.25
N HIS A 151 -19.84 0.14 -14.57
CA HIS A 151 -18.51 -0.45 -14.62
C HIS A 151 -18.33 -1.63 -13.67
N GLU A 152 -19.38 -1.94 -12.92
CA GLU A 152 -19.37 -3.03 -11.94
C GLU A 152 -18.24 -2.91 -10.94
N LYS A 153 -17.96 -1.69 -10.52
CA LYS A 153 -16.91 -1.45 -9.53
C LYS A 153 -17.42 -1.77 -8.13
N ASN A 154 -16.61 -2.44 -7.32
CA ASN A 154 -16.97 -2.69 -5.93
C ASN A 154 -16.93 -1.44 -5.07
N LEU A 155 -17.97 -1.25 -4.27
CA LEU A 155 -18.06 -0.11 -3.37
C LEU A 155 -17.90 -0.60 -1.95
N TYR A 156 -17.06 0.07 -1.17
CA TYR A 156 -16.84 -0.28 0.22
C TYR A 156 -17.25 0.86 1.12
N VAL A 157 -17.82 0.53 2.26
CA VAL A 157 -18.23 1.51 3.24
C VAL A 157 -17.38 1.41 4.50
N VAL A 158 -16.83 2.53 4.95
CA VAL A 158 -16.13 2.58 6.22
C VAL A 158 -17.16 2.41 7.35
N GLU A 160 -16.01 1.55 10.59
CA GLU A 160 -15.31 1.81 11.83
C GLU A 160 -14.00 2.52 11.55
N ALA A 161 -13.70 3.56 12.34
CA ALA A 161 -12.43 4.28 12.20
C ALA A 161 -11.75 4.45 13.54
N VAL A 162 -10.44 4.23 13.56
CA VAL A 162 -9.63 4.52 14.73
C VAL A 162 -9.02 5.91 14.57
N GLU A 163 -9.22 6.75 15.58
CA GLU A 163 -8.81 8.14 15.54
C GLU A 163 -7.92 8.54 16.71
N ALA A 164 -7.06 9.53 16.46
CA ALA A 164 -6.25 10.15 17.50
C ALA A 164 -7.13 10.90 18.48
N LYS A 165 -7.02 10.59 19.77
CA LYS A 165 -7.81 11.24 20.79
C LYS A 165 -7.39 12.70 20.98
N GLN A 166 -6.09 12.97 20.83
CA GLN A 166 -5.60 14.32 20.96
C GLN A 166 -4.53 14.65 19.91
N GLU A 167 -4.35 15.95 19.66
CA GLU A 167 -3.33 16.38 18.72
C GLU A 167 -1.94 16.05 19.24
N VAL A 168 -1.13 15.42 18.40
CA VAL A 168 0.24 15.11 18.75
C VAL A 168 1.15 15.43 17.58
N THR A 169 2.46 15.45 17.80
CA THR A 169 3.37 15.46 16.66
C THR A 169 4.33 14.27 16.81
N VAL A 170 4.71 13.67 15.69
CA VAL A 170 5.59 12.52 15.74
C VAL A 170 6.75 12.73 14.77
N GLU A 171 7.93 12.24 15.14
CA GLU A 171 9.05 12.31 14.20
C GLU A 171 10.06 11.16 14.31
N GLN A 172 10.73 10.89 13.19
CA GLN A 172 11.73 9.83 13.08
C GLN A 172 13.05 10.19 13.75
N THR A 173 13.75 9.19 14.24
CA THR A 173 15.04 9.40 14.87
C THR A 173 16.16 8.70 14.12
N PRO A 183 26.29 6.69 7.57
CA PRO A 183 27.72 6.54 7.25
C PRO A 183 27.97 6.22 5.78
N SER A 184 27.35 5.16 5.29
CA SER A 184 27.54 4.70 3.93
C SER A 184 27.09 5.72 2.88
N LEU A 185 26.00 6.43 3.19
CA LEU A 185 25.45 7.42 2.25
C LEU A 185 26.45 8.54 2.01
N ALA A 186 27.16 8.93 3.05
CA ALA A 186 28.20 9.94 2.94
C ALA A 186 29.26 9.50 1.94
N LEU A 187 29.74 8.27 2.12
CA LEU A 187 30.74 7.67 1.24
C LEU A 187 30.25 7.65 -0.21
N LEU A 188 28.99 7.27 -0.39
CA LEU A 188 28.40 7.17 -1.72
C LEU A 188 28.28 8.52 -2.39
N GLY A 189 28.37 9.57 -1.60
CA GLY A 189 28.23 10.92 -2.10
C GLY A 189 26.79 11.18 -2.47
N LEU A 190 25.87 10.61 -1.69
CA LEU A 190 24.45 10.82 -1.89
C LEU A 190 23.91 11.71 -0.76
N GLN A 191 23.37 11.08 0.27
CA GLN A 191 22.86 11.82 1.42
C GLN A 191 23.70 11.53 2.66
N LYS A 198 12.14 14.07 9.40
CA LYS A 198 10.76 14.30 9.04
C LYS A 198 9.85 14.28 10.27
N ALA A 199 8.84 15.16 10.27
CA ALA A 199 7.92 15.28 11.40
C ALA A 199 6.52 15.59 10.92
N VAL A 200 5.51 15.07 11.62
CA VAL A 200 4.12 15.26 11.21
C VAL A 200 3.23 15.59 12.40
N THR A 201 2.34 16.57 12.22
CA THR A 201 1.32 16.85 13.21
C THR A 201 0.05 16.04 12.92
N ILE A 202 -0.31 15.18 13.86
CA ILE A 202 -1.57 14.45 13.82
C ILE A 202 -2.63 15.22 14.60
N PRO A 203 -3.62 15.77 13.88
CA PRO A 203 -4.68 16.59 14.49
C PRO A 203 -5.56 15.74 15.39
N LYS A 204 -6.28 16.37 16.32
CA LYS A 204 -7.26 15.66 17.12
C LYS A 204 -8.33 15.10 16.20
N GLY A 205 -8.68 13.83 16.40
CA GLY A 205 -9.72 13.20 15.60
C GLY A 205 -9.25 12.70 14.25
N CYS A 206 -7.95 12.77 14.00
CA CYS A 206 -7.39 12.27 12.75
C CYS A 206 -7.61 10.76 12.59
N VAL A 207 -8.09 10.34 11.43
CA VAL A 207 -8.24 8.91 11.17
C VAL A 207 -6.85 8.26 11.03
N LEU A 208 -6.62 7.19 11.77
CA LEU A 208 -5.34 6.49 11.75
C LEU A 208 -5.50 5.14 11.05
N ALA A 209 -6.66 4.54 11.24
CA ALA A 209 -6.98 3.25 10.63
C ALA A 209 -8.49 3.14 10.46
N TYR A 210 -8.92 2.31 9.53
CA TYR A 210 -10.35 2.16 9.26
C TYR A 210 -10.70 0.74 8.82
N ARG A 211 -11.94 0.34 9.06
CA ARG A 211 -12.41 -0.97 8.64
C ARG A 211 -13.58 -0.82 7.67
N VAL A 212 -13.47 -1.42 6.50
CA VAL A 212 -14.58 -1.34 5.54
C VAL A 212 -15.38 -2.64 5.47
N ARG A 213 -16.59 -2.54 4.96
CA ARG A 213 -17.38 -3.70 4.56
C ARG A 213 -17.90 -3.45 3.16
N LEU A 214 -18.14 -4.52 2.42
CA LEU A 214 -18.65 -4.39 1.07
C LEU A 214 -20.12 -3.96 1.05
N LEU A 215 -20.43 -3.00 0.19
CA LEU A 215 -21.82 -2.63 -0.09
C LEU A 215 -22.37 -3.59 -1.12
N ARG A 216 -23.59 -4.04 -0.93
CA ARG A 216 -24.26 -4.87 -1.93
C ARG A 216 -25.54 -4.20 -2.39
N VAL A 217 -25.75 -4.21 -3.70
CA VAL A 217 -26.93 -3.57 -4.30
C VAL A 217 -27.76 -4.64 -5.04
N PHE A 218 -29.07 -4.57 -4.88
CA PHE A 218 -29.95 -5.53 -5.54
C PHE A 218 -31.00 -4.85 -6.41
N LEU A 219 -31.99 -5.62 -6.85
CA LEU A 219 -33.12 -5.09 -7.62
C LEU A 219 -33.82 -3.97 -6.87
N PHE A 220 -34.25 -2.96 -7.62
CA PHE A 220 -35.08 -1.86 -7.08
C PHE A 220 -34.31 -0.98 -6.11
N ASN A 221 -32.99 -1.00 -6.24
CA ASN A 221 -32.09 -0.22 -5.38
C ASN A 221 -32.21 -0.59 -3.90
N LEU A 222 -32.55 -1.85 -3.66
CA LEU A 222 -32.40 -2.43 -2.33
C LEU A 222 -30.91 -2.67 -2.08
N TRP A 223 -30.51 -2.67 -0.81
CA TRP A 223 -29.11 -2.74 -0.45
C TRP A 223 -28.88 -3.26 0.96
N ASP A 224 -27.68 -3.75 1.22
CA ASP A 224 -27.26 -4.05 2.59
C ASP A 224 -25.74 -4.04 2.70
N ILE A 225 -25.24 -4.15 3.92
CA ILE A 225 -23.80 -4.16 4.16
C ILE A 225 -23.46 -5.36 5.04
N PRO A 226 -23.25 -6.53 4.42
CA PRO A 226 -23.02 -7.82 5.10
C PRO A 226 -21.94 -7.75 6.17
N TYR A 227 -22.24 -8.33 7.33
CA TYR A 227 -21.34 -8.30 8.48
C TYR A 227 -20.08 -9.12 8.22
N ILE A 228 -20.28 -10.31 7.64
CA ILE A 228 -19.18 -11.15 7.21
C ILE A 228 -18.97 -10.97 5.72
N CYS A 229 -17.98 -10.17 5.35
CA CYS A 229 -17.73 -9.87 3.94
C CYS A 229 -16.99 -11.00 3.24
N ASN A 230 -17.44 -11.34 2.04
CA ASN A 230 -16.87 -12.42 1.25
C ASN A 230 -16.03 -11.89 0.10
N ASP A 231 -15.11 -12.71 -0.38
CA ASP A 231 -14.17 -12.31 -1.43
C ASP A 231 -14.70 -12.65 -2.81
N SER A 232 -15.68 -13.56 -2.88
CA SER A 232 -16.33 -13.90 -4.12
C SER A 232 -17.50 -12.95 -4.37
N GLN A 234 -19.59 -9.41 -4.93
CA GLN A 234 -19.46 -8.18 -5.72
C GLN A 234 -20.57 -7.22 -5.30
N THR A 235 -20.31 -5.92 -5.44
CA THR A 235 -21.32 -4.92 -5.09
C THR A 235 -22.54 -5.02 -6.01
N PHE A 236 -22.28 -5.14 -7.31
CA PHE A 236 -23.36 -5.07 -8.29
C PHE A 236 -23.59 -6.41 -8.97
N PRO A 237 -24.85 -6.72 -9.30
CA PRO A 237 -25.19 -7.89 -10.13
C PRO A 237 -24.60 -7.76 -11.53
N LYS A 238 -24.33 -8.88 -12.19
CA LYS A 238 -23.93 -8.85 -13.58
C LYS A 238 -25.15 -8.51 -14.43
N ILE A 239 -25.05 -7.43 -15.18
CA ILE A 239 -26.17 -6.99 -16.01
C ILE A 239 -25.76 -6.92 -17.47
N ARG A 240 -26.42 -7.74 -18.28
CA ARG A 240 -26.09 -7.85 -19.70
C ARG A 240 -27.28 -7.49 -20.58
N ARG A 241 -27.00 -7.06 -21.80
CA ARG A 241 -28.05 -6.95 -22.80
C ARG A 241 -28.25 -8.31 -23.46
N VAL A 242 -29.50 -8.68 -23.72
CA VAL A 242 -29.84 -10.00 -24.27
C VAL A 242 -29.44 -10.16 -25.73
N PRO A 243 -28.57 -11.15 -26.03
CA PRO A 243 -28.11 -11.40 -27.40
C PRO A 243 -29.22 -11.82 -28.35
N CYS A 244 -29.06 -11.51 -29.64
CA CYS A 244 -30.04 -11.81 -30.68
C CYS A 244 -31.45 -11.45 -30.24
N SER A 245 -31.61 -10.28 -29.64
CA SER A 245 -32.91 -9.82 -29.21
C SER A 245 -33.34 -8.66 -30.09
N ALA A 246 -34.64 -8.39 -30.14
CA ALA A 246 -35.14 -7.22 -30.84
C ALA A 246 -35.13 -6.02 -29.91
N PHE A 247 -34.69 -6.24 -28.68
CA PHE A 247 -34.77 -5.21 -27.65
C PHE A 247 -33.44 -4.98 -26.93
N ILE A 248 -33.23 -3.74 -26.50
CA ILE A 248 -31.94 -3.23 -26.08
C ILE A 248 -31.81 -3.20 -24.53
N SER A 249 -32.90 -3.55 -23.85
CA SER A 249 -32.90 -3.52 -22.39
C SER A 249 -31.92 -4.51 -21.74
N PRO A 250 -31.17 -4.03 -20.73
CA PRO A 250 -30.22 -4.86 -19.98
C PRO A 250 -30.94 -5.64 -18.88
N THR A 251 -30.53 -6.88 -18.65
CA THR A 251 -31.22 -7.72 -17.66
C THR A 251 -30.25 -8.55 -16.80
N GLN A 252 -30.80 -9.15 -15.75
CA GLN A 252 -30.02 -10.02 -14.87
C GLN A 252 -29.68 -11.34 -15.53
N HIS A 268 -4.09 -13.56 4.06
CA HIS A 268 -2.90 -14.09 4.72
C HIS A 268 -1.72 -13.13 4.62
N GLU A 269 -1.15 -12.76 5.76
CA GLU A 269 -0.02 -11.85 5.80
C GLU A 269 1.25 -12.55 6.27
N ASP A 270 1.73 -13.51 5.49
CA ASP A 270 3.00 -14.17 5.77
C ASP A 270 3.94 -14.05 4.57
N PHE A 271 5.17 -14.52 4.72
CA PHE A 271 6.16 -14.35 3.66
C PHE A 271 5.79 -15.13 2.40
N LYS A 272 5.27 -16.33 2.57
CA LYS A 272 4.87 -17.16 1.44
C LYS A 272 3.89 -16.44 0.50
N THR A 273 2.92 -15.76 1.09
CA THR A 273 1.94 -14.99 0.34
C THR A 273 2.59 -13.86 -0.46
N LEU A 274 3.51 -13.14 0.18
CA LEU A 274 4.25 -12.07 -0.49
C LEU A 274 5.05 -12.62 -1.67
N LYS A 275 5.75 -13.73 -1.41
CA LYS A 275 6.59 -14.37 -2.42
C LYS A 275 5.74 -14.77 -3.62
N GLU A 276 4.57 -15.34 -3.36
CA GLU A 276 3.67 -15.75 -4.43
C GLU A 276 3.09 -14.56 -5.21
N GLU A 277 2.75 -13.48 -4.50
CA GLU A 277 2.27 -12.25 -5.13
C GLU A 277 3.30 -11.66 -6.11
N VAL A 278 4.48 -11.39 -5.57
CA VAL A 278 5.59 -10.91 -6.37
C VAL A 278 5.86 -11.86 -7.55
N GLN A 279 5.84 -13.15 -7.27
CA GLN A 279 6.04 -14.18 -8.29
C GLN A 279 5.02 -14.10 -9.43
N ARG A 280 3.75 -13.84 -9.09
CA ARG A 280 2.73 -13.72 -10.13
C ARG A 280 3.03 -12.51 -11.00
N GLU A 281 3.35 -11.38 -10.36
CA GLU A 281 3.60 -10.21 -11.21
C GLU A 281 4.87 -10.34 -12.09
N THR A 282 5.92 -10.95 -11.53
CA THR A 282 7.13 -11.19 -12.31
C THR A 282 6.87 -12.19 -13.42
N GLN A 283 6.00 -13.16 -13.16
CA GLN A 283 5.54 -14.09 -14.19
C GLN A 283 4.93 -13.31 -15.33
N GLU A 284 4.12 -12.32 -14.97
CA GLU A 284 3.54 -11.46 -15.99
C GLU A 284 4.60 -10.73 -16.82
N VAL A 285 5.55 -10.09 -16.16
CA VAL A 285 6.57 -9.32 -16.88
C VAL A 285 7.50 -10.21 -17.73
N GLU A 286 7.71 -11.44 -17.28
CA GLU A 286 8.63 -12.37 -17.91
C GLU A 286 8.17 -12.82 -19.30
N LYS A 287 6.88 -12.62 -19.58
CA LYS A 287 6.29 -13.07 -20.83
C LYS A 287 6.60 -12.14 -21.99
N LEU A 288 7.38 -11.09 -21.73
CA LEU A 288 7.85 -10.24 -22.81
C LEU A 288 9.03 -10.90 -23.51
N SER A 289 9.44 -10.35 -24.64
CA SER A 289 10.66 -10.79 -25.30
C SER A 289 11.84 -10.25 -24.50
N PRO A 290 12.98 -10.96 -24.54
CA PRO A 290 14.21 -10.43 -23.95
C PRO A 290 14.50 -8.99 -24.39
N VAL A 291 14.24 -8.71 -25.66
CA VAL A 291 14.35 -7.35 -26.19
C VAL A 291 13.32 -6.42 -25.52
N GLY A 292 12.12 -6.95 -25.30
CA GLY A 292 11.07 -6.20 -24.63
C GLY A 292 11.46 -5.83 -23.20
N ARG A 293 11.91 -6.84 -22.46
CA ARG A 293 12.41 -6.65 -21.10
C ARG A 293 13.53 -5.63 -21.08
N SER A 294 14.41 -5.71 -22.07
CA SER A 294 15.50 -4.75 -22.19
C SER A 294 15.01 -3.31 -22.38
N SER A 295 14.00 -3.15 -23.25
CA SER A 295 13.44 -1.83 -23.52
C SER A 295 12.76 -1.22 -22.27
N LEU A 296 11.91 -2.03 -21.65
CA LEU A 296 11.25 -1.61 -20.41
C LEU A 296 12.29 -1.24 -19.35
N LEU A 297 13.33 -2.05 -19.24
CA LEU A 297 14.42 -1.77 -18.31
C LEU A 297 15.10 -0.45 -18.64
N THR A 298 15.21 -0.11 -19.92
CA THR A 298 15.81 1.17 -20.29
C THR A 298 14.93 2.34 -19.80
N SER A 299 13.64 2.26 -20.12
CA SER A 299 12.70 3.29 -19.68
C SER A 299 12.70 3.49 -18.15
N LEU A 300 12.54 2.38 -17.44
CA LEU A 300 12.58 2.36 -15.99
C LEU A 300 13.88 2.93 -15.47
N SER A 301 14.98 2.57 -16.12
CA SER A 301 16.30 3.09 -15.77
C SER A 301 16.27 4.60 -15.81
N HIS A 302 15.71 5.14 -16.89
CA HIS A 302 15.55 6.59 -16.95
C HIS A 302 14.76 7.10 -15.75
N LEU A 303 13.66 6.43 -15.42
CA LEU A 303 12.78 6.98 -14.37
C LEU A 303 13.27 6.87 -12.92
N LEU A 304 14.12 5.88 -12.62
CA LEU A 304 14.54 5.65 -11.24
C LEU A 304 15.31 6.84 -10.67
N GLY A 305 16.05 7.53 -11.52
CA GLY A 305 16.82 8.68 -11.10
C GLY A 305 15.98 9.90 -10.77
N LYS A 306 14.73 9.88 -11.24
CA LYS A 306 13.80 10.99 -11.01
C LYS A 306 12.50 10.46 -10.41
N LYS A 307 12.37 10.54 -9.09
CA LYS A 307 11.23 9.92 -8.42
C LYS A 307 9.88 10.53 -8.84
N LYS A 308 9.85 11.85 -9.05
CA LYS A 308 8.60 12.53 -9.39
C LYS A 308 8.01 12.04 -10.70
N GLU A 309 8.87 11.83 -11.70
CA GLU A 309 8.42 11.32 -12.98
C GLU A 309 7.98 9.86 -12.86
N LEU A 310 8.60 9.13 -11.93
CA LEU A 310 8.21 7.75 -11.62
C LEU A 310 6.80 7.74 -11.05
N GLN A 311 6.53 8.63 -10.11
CA GLN A 311 5.22 8.74 -9.48
C GLN A 311 4.18 9.22 -10.50
N ASP A 312 4.64 10.03 -11.46
CA ASP A 312 3.76 10.51 -12.52
C ASP A 312 3.35 9.36 -13.43
N LEU A 313 4.32 8.53 -13.81
CA LEU A 313 4.01 7.35 -14.60
C LEU A 313 3.07 6.43 -13.83
N GLU A 314 3.31 6.27 -12.53
CA GLU A 314 2.45 5.41 -11.73
C GLU A 314 1.01 5.92 -11.72
N GLN A 315 0.83 7.20 -11.42
CA GLN A 315 -0.52 7.74 -11.30
C GLN A 315 -1.25 7.76 -12.64
N LYS A 316 -0.56 8.19 -13.70
CA LYS A 316 -1.17 8.21 -15.02
C LYS A 316 -1.54 6.80 -15.47
N LEU A 317 -0.66 5.85 -15.18
CA LEU A 317 -0.93 4.45 -15.53
C LEU A 317 -2.15 3.95 -14.77
N GLU A 318 -2.21 4.27 -13.49
CA GLU A 318 -3.32 3.85 -12.63
C GLU A 318 -4.65 4.40 -13.16
N GLY A 319 -4.66 5.69 -13.46
CA GLY A 319 -5.84 6.32 -14.01
C GLY A 319 -6.25 5.73 -15.34
N ALA A 320 -5.25 5.41 -16.16
CA ALA A 320 -5.50 4.82 -17.48
C ALA A 320 -6.17 3.46 -17.38
N LEU A 321 -5.56 2.57 -16.59
CA LEU A 321 -6.09 1.22 -16.43
C LEU A 321 -7.43 1.21 -15.71
N ASP A 322 -7.59 2.09 -14.72
CA ASP A 322 -8.82 2.13 -13.94
C ASP A 322 -9.99 2.71 -14.75
N LYS A 323 -9.78 3.85 -15.40
CA LYS A 323 -10.79 4.45 -16.24
C LYS A 323 -10.98 3.64 -17.53
N GLY A 324 -9.98 2.83 -17.86
CA GLY A 324 -10.10 1.88 -18.96
C GLY A 324 -9.80 2.43 -20.33
N GLN A 325 -9.29 3.66 -20.41
CA GLN A 325 -9.01 4.30 -21.69
C GLN A 325 -7.80 3.68 -22.38
N LYS A 326 -7.35 4.32 -23.45
CA LYS A 326 -6.19 3.85 -24.17
C LYS A 326 -4.92 4.34 -23.49
N VAL A 327 -3.91 3.46 -23.47
CA VAL A 327 -2.69 3.72 -22.74
C VAL A 327 -1.57 4.21 -23.65
N THR A 328 -1.53 5.52 -23.86
CA THR A 328 -0.49 6.15 -24.66
C THR A 328 0.49 6.89 -23.77
N LEU A 329 1.41 6.16 -23.16
CA LEU A 329 2.33 6.74 -22.20
C LEU A 329 3.75 6.79 -22.75
N GLU A 330 4.37 7.96 -22.64
CA GLU A 330 5.71 8.19 -23.15
C GLU A 330 6.74 7.29 -22.48
N ALA A 331 6.70 7.26 -21.15
CA ALA A 331 7.71 6.59 -20.34
C ALA A 331 7.79 5.09 -20.56
N LEU A 332 6.90 4.55 -21.38
CA LEU A 332 6.91 3.11 -21.66
C LEU A 332 7.46 2.84 -23.07
N PRO A 333 8.13 1.69 -23.24
CA PRO A 333 8.72 1.27 -24.52
C PRO A 333 7.72 1.22 -25.67
N LYS A 334 8.01 1.98 -26.72
CA LYS A 334 7.11 2.09 -27.87
C LYS A 334 7.38 0.99 -28.90
N ASP A 335 8.35 0.12 -28.61
CA ASP A 335 8.69 -0.97 -29.50
C ASP A 335 8.16 -2.28 -28.96
N VAL A 336 7.58 -2.23 -27.77
CA VAL A 336 6.90 -3.39 -27.21
C VAL A 336 5.42 -3.05 -27.00
N LEU A 337 4.55 -3.96 -27.43
CA LEU A 337 3.12 -3.81 -27.18
C LEU A 337 2.80 -4.48 -25.85
N LEU A 338 2.10 -3.75 -24.97
CA LEU A 338 1.85 -4.26 -23.62
C LEU A 338 0.41 -4.72 -23.42
N SER A 339 0.25 -6.01 -23.17
CA SER A 339 -1.04 -6.57 -22.77
C SER A 339 -1.46 -5.94 -21.45
N LYS A 340 -2.76 -5.98 -21.15
CA LYS A 340 -3.26 -5.30 -19.96
C LYS A 340 -2.70 -5.90 -18.67
N ASP A 341 -2.55 -7.22 -18.65
CA ASP A 341 -1.94 -7.90 -17.49
C ASP A 341 -0.51 -7.43 -17.26
N ALA A 342 0.20 -7.16 -18.37
CA ALA A 342 1.57 -6.68 -18.30
C ALA A 342 1.61 -5.28 -17.69
N ASP A 344 -0.53 -4.00 -15.82
CA ASP A 344 -0.95 -4.12 -14.42
C ASP A 344 0.22 -4.55 -13.55
N ALA A 345 1.01 -5.52 -14.03
CA ALA A 345 2.20 -5.95 -13.31
C ALA A 345 3.18 -4.78 -13.12
N ILE A 346 3.38 -4.04 -14.21
CA ILE A 346 4.20 -2.84 -14.17
C ILE A 346 3.66 -1.84 -13.15
N LEU A 347 2.35 -1.68 -13.09
CA LEU A 347 1.72 -0.78 -12.12
C LEU A 347 2.02 -1.22 -10.68
N TYR A 348 1.90 -2.52 -10.45
CA TYR A 348 2.24 -3.11 -9.16
C TYR A 348 3.65 -2.73 -8.74
N PHE A 349 4.61 -3.04 -9.62
CA PHE A 349 6.01 -2.78 -9.29
C PHE A 349 6.32 -1.30 -9.15
N LEU A 350 5.61 -0.45 -9.90
CA LEU A 350 5.77 1.00 -9.75
C LEU A 350 5.31 1.40 -8.36
N GLY A 351 4.23 0.76 -7.92
CA GLY A 351 3.74 0.93 -6.56
C GLY A 351 4.81 0.58 -5.54
N ALA A 352 5.50 -0.53 -5.77
CA ALA A 352 6.60 -0.90 -4.85
C ALA A 352 7.75 0.12 -4.86
N LEU A 353 8.19 0.51 -6.06
CA LEU A 353 9.32 1.42 -6.22
C LEU A 353 9.07 2.81 -5.64
N THR A 354 7.83 3.27 -5.73
CA THR A 354 7.49 4.59 -5.21
C THR A 354 7.43 4.62 -3.67
N GLU A 355 7.48 3.45 -3.03
CA GLU A 355 7.59 3.38 -1.59
C GLU A 355 9.01 3.71 -1.11
N LEU A 356 9.97 3.55 -2.01
CA LEU A 356 11.38 3.74 -1.67
C LEU A 356 11.78 5.21 -1.73
N THR A 357 12.84 5.58 -1.02
CA THR A 357 13.32 6.97 -1.06
C THR A 357 14.09 7.21 -2.35
N GLU A 358 14.34 8.49 -2.66
CA GLU A 358 15.01 8.86 -3.91
C GLU A 358 16.43 8.30 -3.95
N GLU A 359 17.10 8.37 -2.81
CA GLU A 359 18.44 7.82 -2.66
C GLU A 359 18.45 6.33 -2.96
N GLN A 360 17.47 5.61 -2.41
CA GLN A 360 17.34 4.18 -2.67
C GLN A 360 17.20 3.89 -4.16
N LEU A 361 16.40 4.69 -4.86
CA LEU A 361 16.20 4.48 -6.29
C LEU A 361 17.50 4.72 -7.07
N LYS A 362 18.21 5.77 -6.70
CA LYS A 362 19.51 6.05 -7.34
C LYS A 362 20.50 4.90 -7.10
N ILE A 363 20.51 4.42 -5.87
CA ILE A 363 21.32 3.28 -5.48
C ILE A 363 20.93 2.06 -6.32
N LEU A 364 19.65 1.92 -6.61
CA LEU A 364 19.20 0.82 -7.46
C LEU A 364 19.81 0.96 -8.85
N VAL A 365 19.87 2.18 -9.37
CA VAL A 365 20.51 2.37 -10.68
C VAL A 365 21.99 1.96 -10.64
N LYS A 366 22.69 2.45 -9.63
CA LYS A 366 24.12 2.13 -9.48
C LYS A 366 24.34 0.63 -9.33
N SER A 367 23.42 -0.04 -8.61
CA SER A 367 23.52 -1.46 -8.33
C SER A 367 23.28 -2.26 -9.58
N LEU A 368 22.37 -1.75 -10.41
CA LEU A 368 22.14 -2.29 -11.74
C LEU A 368 23.44 -2.26 -12.54
N GLU A 369 24.10 -1.09 -12.54
CA GLU A 369 25.36 -0.96 -13.27
C GLU A 369 26.45 -1.89 -12.75
N LYS A 370 26.54 -2.02 -11.43
CA LYS A 370 27.55 -2.89 -10.82
C LYS A 370 27.20 -4.38 -10.88
N LYS A 371 25.99 -4.69 -11.36
CA LYS A 371 25.51 -6.06 -11.50
C LYS A 371 25.45 -6.82 -10.16
N ILE A 372 24.97 -6.15 -9.12
CA ILE A 372 24.90 -6.77 -7.79
C ILE A 372 23.47 -7.01 -7.31
N LEU A 373 22.49 -6.82 -8.20
CA LEU A 373 21.09 -7.06 -7.84
C LEU A 373 20.80 -8.47 -7.30
N PRO A 374 21.38 -9.54 -7.89
CA PRO A 374 21.09 -10.86 -7.32
C PRO A 374 21.47 -10.99 -5.84
N VAL A 375 22.60 -10.39 -5.47
CA VAL A 375 23.09 -10.48 -4.10
C VAL A 375 22.17 -9.73 -3.15
N GLN A 376 21.83 -8.50 -3.53
CA GLN A 376 20.92 -7.66 -2.73
C GLN A 376 19.56 -8.33 -2.55
N LEU A 377 19.03 -8.85 -3.65
CA LEU A 377 17.76 -9.56 -3.62
C LEU A 377 17.86 -10.77 -2.68
N LYS A 378 18.96 -11.50 -2.74
CA LYS A 378 19.15 -12.65 -1.86
C LYS A 378 19.17 -12.24 -0.37
N LEU A 379 19.91 -11.17 -0.06
CA LEU A 379 19.98 -10.67 1.30
C LEU A 379 18.60 -10.27 1.85
N VAL A 380 17.89 -9.48 1.05
CA VAL A 380 16.56 -8.98 1.42
C VAL A 380 15.58 -10.13 1.63
N GLU A 381 15.55 -11.06 0.66
CA GLU A 381 14.63 -12.18 0.70
C GLU A 381 14.91 -13.10 1.89
N SER A 382 16.19 -13.39 2.13
CA SER A 382 16.56 -14.25 3.23
C SER A 382 16.18 -13.63 4.58
N THR A 383 16.48 -12.35 4.77
CA THR A 383 16.16 -11.72 6.05
C THR A 383 14.64 -11.62 6.26
N LEU A 384 13.93 -11.22 5.20
CA LEU A 384 12.48 -11.16 5.21
C LEU A 384 11.86 -12.49 5.59
N GLU A 385 12.30 -13.57 4.94
CA GLU A 385 11.72 -14.87 5.22
C GLU A 385 12.05 -15.32 6.63
N GLN A 386 13.30 -15.18 7.04
CA GLN A 386 13.70 -15.63 8.37
C GLN A 386 12.97 -14.88 9.48
N ASN A 387 12.62 -13.61 9.26
CA ASN A 387 12.06 -12.83 10.35
C ASN A 387 10.66 -12.24 10.17
N PHE A 388 9.91 -12.72 9.17
CA PHE A 388 8.68 -12.04 8.73
C PHE A 388 7.67 -11.81 9.86
N LEU A 389 7.45 -12.82 10.70
CA LEU A 389 6.40 -12.73 11.71
C LEU A 389 6.94 -12.37 13.09
N GLN A 390 8.23 -12.06 13.17
CA GLN A 390 8.84 -11.64 14.43
C GLN A 390 8.27 -10.30 14.89
N ASP A 391 7.62 -10.29 16.05
CA ASP A 391 6.90 -9.12 16.51
C ASP A 391 7.79 -8.10 17.24
N LYS A 392 8.95 -8.55 17.72
CA LYS A 392 9.83 -7.64 18.45
C LYS A 392 11.16 -7.48 17.72
N GLU A 393 11.82 -6.35 17.97
CA GLU A 393 13.13 -6.09 17.41
C GLU A 393 14.13 -7.16 17.83
N GLY A 394 15.15 -7.38 17.00
CA GLY A 394 16.16 -8.37 17.36
C GLY A 394 17.51 -8.12 16.72
N VAL A 395 18.57 -8.72 17.28
CA VAL A 395 19.87 -8.68 16.64
C VAL A 395 20.29 -10.10 16.30
N PHE A 396 20.76 -10.29 15.08
CA PHE A 396 21.01 -11.63 14.56
C PHE A 396 22.33 -11.73 13.80
N PRO A 397 22.94 -12.93 13.81
CA PRO A 397 24.12 -13.17 12.98
C PRO A 397 23.70 -13.23 11.51
N LEU A 398 24.54 -12.72 10.62
CA LEU A 398 24.25 -12.78 9.20
C LEU A 398 25.15 -13.81 8.52
N GLN A 399 24.56 -14.61 7.63
CA GLN A 399 25.33 -15.56 6.83
C GLN A 399 26.42 -14.79 6.09
N PRO A 400 27.70 -15.11 6.37
CA PRO A 400 28.84 -14.40 5.79
C PRO A 400 28.85 -14.44 4.26
N ASP A 401 28.44 -15.57 3.70
CA ASP A 401 28.42 -15.74 2.25
C ASP A 401 27.49 -14.75 1.55
N LEU A 402 26.53 -14.21 2.30
CA LEU A 402 25.56 -13.28 1.72
C LEU A 402 26.18 -11.96 1.28
N LEU A 403 27.31 -11.60 1.89
CA LEU A 403 27.98 -10.32 1.58
C LEU A 403 29.41 -10.50 1.07
N SER A 404 29.93 -11.72 1.14
CA SER A 404 31.35 -11.98 0.92
C SER A 404 31.81 -11.70 -0.51
N SER A 405 30.88 -11.61 -1.45
CA SER A 405 31.24 -11.42 -2.85
C SER A 405 31.35 -9.94 -3.23
N LEU A 406 31.01 -9.06 -2.29
CA LEU A 406 30.92 -7.63 -2.60
C LEU A 406 32.20 -6.87 -2.29
N GLY A 407 32.67 -6.10 -3.26
CA GLY A 407 33.77 -5.17 -3.06
C GLY A 407 33.32 -3.99 -2.22
N GLU A 408 34.24 -3.08 -1.91
CA GLU A 408 33.96 -1.97 -0.99
C GLU A 408 32.77 -1.12 -1.41
N GLU A 409 32.80 -0.64 -2.65
CA GLU A 409 31.72 0.20 -3.17
C GLU A 409 30.39 -0.56 -3.23
N GLU A 410 30.43 -1.78 -3.75
CA GLU A 410 29.25 -2.64 -3.83
C GLU A 410 28.64 -2.87 -2.44
N LEU A 411 29.50 -3.22 -1.48
CA LEU A 411 29.04 -3.46 -0.11
C LEU A 411 28.42 -2.21 0.49
N THR A 412 29.05 -1.05 0.26
CA THR A 412 28.55 0.21 0.81
C THR A 412 27.18 0.56 0.20
N LEU A 413 27.06 0.39 -1.12
CA LEU A 413 25.78 0.53 -1.81
C LEU A 413 24.71 -0.36 -1.19
N THR A 414 25.05 -1.62 -0.94
CA THR A 414 24.09 -2.57 -0.38
C THR A 414 23.66 -2.19 1.04
N GLU A 415 24.63 -1.81 1.87
CA GLU A 415 24.39 -1.39 3.25
C GLU A 415 23.46 -0.20 3.29
N ALA A 416 23.71 0.78 2.42
CA ALA A 416 22.85 1.96 2.36
C ALA A 416 21.44 1.60 1.87
N LEU A 417 21.39 0.78 0.82
CA LEU A 417 20.12 0.38 0.23
C LEU A 417 19.20 -0.31 1.23
N VAL A 418 19.71 -1.33 1.93
CA VAL A 418 18.83 -2.06 2.84
C VAL A 418 18.65 -1.26 4.14
N GLY A 419 19.66 -0.47 4.49
CA GLY A 419 19.60 0.36 5.67
C GLY A 419 18.47 1.38 5.59
N LEU A 420 18.26 1.92 4.39
CA LEU A 420 17.19 2.91 4.19
C LEU A 420 15.79 2.28 4.22
N SER A 421 15.73 0.95 4.14
CA SER A 421 14.46 0.23 4.33
C SER A 421 14.34 -0.34 5.75
N GLY A 422 15.22 0.09 6.64
CA GLY A 422 15.12 -0.27 8.04
C GLY A 422 15.89 -1.50 8.48
N LEU A 423 16.64 -2.08 7.55
CA LEU A 423 17.48 -3.24 7.85
C LEU A 423 18.93 -2.80 8.09
N GLU A 424 19.32 -2.69 9.36
CA GLU A 424 20.66 -2.25 9.69
C GLU A 424 21.63 -3.41 9.64
N VAL A 425 22.65 -3.30 8.78
CA VAL A 425 23.65 -4.35 8.65
C VAL A 425 24.99 -3.87 9.18
N GLN A 426 25.60 -4.64 10.07
CA GLN A 426 26.94 -4.35 10.55
C GLN A 426 27.95 -5.38 10.00
N ARG A 427 28.92 -4.90 9.23
CA ARG A 427 29.71 -5.78 8.39
C ARG A 427 30.80 -6.57 9.14
N SER A 428 31.18 -6.11 10.33
CA SER A 428 32.28 -6.76 11.05
C SER A 428 31.90 -8.15 11.55
N GLY A 429 30.67 -8.32 12.00
CA GLY A 429 30.17 -9.61 12.46
C GLY A 429 30.32 -10.76 11.48
N PRO A 430 29.49 -10.75 10.40
CA PRO A 430 28.47 -9.73 10.17
C PRO A 430 27.19 -9.99 10.96
N GLN A 431 26.52 -8.91 11.35
CA GLN A 431 25.24 -8.98 12.04
C GLN A 431 24.20 -8.13 11.31
N TYR A 432 22.95 -8.30 11.68
CA TYR A 432 21.90 -7.38 11.26
C TYR A 432 20.86 -7.23 12.35
N ALA A 433 20.21 -6.06 12.38
CA ALA A 433 19.12 -5.80 13.30
C ALA A 433 17.78 -5.84 12.57
N TRP A 434 16.84 -6.59 13.14
CA TRP A 434 15.49 -6.68 12.61
C TRP A 434 14.56 -5.73 13.36
N ASP A 435 13.89 -4.88 12.59
CA ASP A 435 12.88 -3.94 13.09
C ASP A 435 11.56 -4.25 12.40
N PRO A 436 10.63 -4.89 13.14
CA PRO A 436 9.34 -5.29 12.57
C PRO A 436 8.57 -4.12 11.94
N ASP A 437 8.69 -2.95 12.55
CA ASP A 437 7.89 -1.79 12.13
C ASP A 437 8.35 -1.13 10.84
N THR A 438 9.42 -1.63 10.23
CA THR A 438 9.79 -1.18 8.89
C THR A 438 9.66 -2.31 7.88
N ARG A 439 9.01 -3.40 8.29
CA ARG A 439 8.89 -4.55 7.40
C ARG A 439 8.30 -4.16 6.04
N HIS A 440 7.31 -3.27 6.04
CA HIS A 440 6.66 -2.89 4.79
C HIS A 440 7.69 -2.30 3.82
N ASN A 441 8.60 -1.47 4.34
CA ASN A 441 9.63 -0.88 3.49
C ASN A 441 10.53 -1.96 2.88
N LEU A 442 10.77 -3.01 3.65
CA LEU A 442 11.61 -4.08 3.16
C LEU A 442 10.82 -4.84 2.10
N CYS A 443 9.52 -4.99 2.32
CA CYS A 443 8.69 -5.75 1.37
C CYS A 443 8.71 -5.09 0.01
N ALA A 444 8.48 -3.78 0.01
CA ALA A 444 8.54 -3.00 -1.21
C ALA A 444 9.89 -3.23 -1.90
N LEU A 445 10.96 -3.17 -1.10
CA LEU A 445 12.28 -3.27 -1.68
C LEU A 445 12.40 -4.63 -2.35
N TYR A 446 11.88 -5.65 -1.66
CA TYR A 446 11.93 -7.00 -2.20
C TYR A 446 11.30 -6.95 -3.58
N ALA A 447 10.09 -6.42 -3.65
CA ALA A 447 9.34 -6.40 -4.91
C ALA A 447 10.14 -5.64 -5.94
N GLY A 448 10.69 -4.51 -5.51
CA GLY A 448 11.40 -3.62 -6.41
C GLY A 448 12.59 -4.35 -6.99
N LEU A 449 13.27 -5.13 -6.15
CA LEU A 449 14.47 -5.78 -6.62
C LEU A 449 14.06 -6.87 -7.58
N SER A 450 12.94 -7.54 -7.26
CA SER A 450 12.53 -8.72 -8.02
C SER A 450 12.31 -8.37 -9.49
N LEU A 451 11.69 -7.22 -9.73
CA LEU A 451 11.50 -6.77 -11.09
C LEU A 451 12.85 -6.48 -11.74
N LEU A 452 13.67 -5.70 -11.07
CA LEU A 452 14.88 -5.20 -11.70
C LEU A 452 15.80 -6.37 -12.05
N HIS A 453 15.95 -7.29 -11.11
CA HIS A 453 16.65 -8.53 -11.36
C HIS A 453 16.15 -9.18 -12.64
N LEU A 454 14.84 -9.40 -12.71
CA LEU A 454 14.23 -10.02 -13.88
C LEU A 454 14.61 -9.28 -15.17
N LEU A 455 14.67 -7.96 -15.11
CA LEU A 455 14.88 -7.20 -16.32
C LEU A 455 16.35 -7.18 -16.72
N SER A 456 17.23 -7.58 -15.81
CA SER A 456 18.67 -7.49 -16.07
C SER A 456 19.37 -8.84 -16.07
N ARG A 457 18.61 -9.88 -15.73
CA ARG A 457 19.10 -11.26 -15.63
C ARG A 457 20.05 -11.65 -16.77
#